data_6WAY
#
_entry.id   6WAY
#
_cell.length_a   63.119
_cell.length_b   83.910
_cell.length_c   54.239
_cell.angle_alpha   90.000
_cell.angle_beta   90.000
_cell.angle_gamma   90.000
#
_symmetry.space_group_name_H-M   'C 2 2 21'
#
loop_
_entity.id
_entity.type
_entity.pdbx_description
1 polymer 'Ras GTPase-activating protein 1'
2 polymer 'Rho GTPase-activating protein 35'
3 water water
#
loop_
_entity_poly.entity_id
_entity_poly.type
_entity_poly.pdbx_seq_one_letter_code
_entity_poly.pdbx_strand_id
1 'polypeptide(L)'
;GSGREEDPHEGKIWFHGKISKQEAYNLLMTVGQVSSFLVRPSDNTPGDYSLYFRTNENIQRFKISPTPNNQFMMGGRYYN
SIGDIIDHYRKEQIVEGYYLKEPVPMQ
;
A
2 'polypeptide(L)' (ACE)D(PTR)AEPMDA(NH2) V
#
loop_
_chem_comp.id
_chem_comp.type
_chem_comp.name
_chem_comp.formula
ACE non-polymer 'ACETYL GROUP' 'C2 H4 O'
NH2 non-polymer 'AMINO GROUP' 'H2 N'
#
# COMPACT_ATOMS: atom_id res chain seq x y z
N SER A 2 -20.66 -16.36 -2.64
CA SER A 2 -20.98 -14.96 -2.43
C SER A 2 -21.69 -14.36 -3.63
N GLY A 3 -21.43 -14.92 -4.82
CA GLY A 3 -21.99 -14.34 -6.03
C GLY A 3 -21.35 -13.04 -6.45
N ARG A 4 -20.30 -12.61 -5.77
CA ARG A 4 -19.65 -11.36 -6.12
C ARG A 4 -18.38 -11.64 -6.91
N GLU A 5 -18.04 -10.73 -7.81
CA GLU A 5 -16.69 -10.63 -8.36
C GLU A 5 -15.96 -9.60 -7.52
N GLU A 6 -14.98 -10.05 -6.75
CA GLU A 6 -14.29 -9.23 -5.78
C GLU A 6 -13.09 -8.52 -6.42
N ASP A 7 -12.65 -7.44 -5.78
CA ASP A 7 -11.36 -6.86 -6.10
C ASP A 7 -10.30 -7.96 -6.12
N PRO A 8 -9.40 -7.97 -7.10
CA PRO A 8 -8.38 -9.04 -7.15
C PRO A 8 -7.53 -9.17 -5.90
N HIS A 9 -7.52 -8.15 -5.03
CA HIS A 9 -6.73 -8.18 -3.80
C HIS A 9 -7.56 -8.48 -2.56
N GLU A 10 -8.87 -8.68 -2.73
CA GLU A 10 -9.71 -9.03 -1.60
C GLU A 10 -9.22 -10.34 -0.98
N GLY A 11 -9.15 -10.36 0.34
CA GLY A 11 -8.64 -11.51 1.03
C GLY A 11 -7.15 -11.47 1.33
N LYS A 12 -6.39 -10.56 0.70
CA LYS A 12 -5.01 -10.37 1.13
C LYS A 12 -5.01 -9.63 2.47
N ILE A 13 -4.09 -10.06 3.36
CA ILE A 13 -4.13 -9.60 4.75
C ILE A 13 -4.05 -8.07 4.84
N TRP A 14 -3.29 -7.45 3.94
CA TRP A 14 -3.02 -6.01 3.99
C TRP A 14 -4.03 -5.17 3.21
N PHE A 15 -5.03 -5.78 2.57
CA PHE A 15 -5.97 -5.04 1.73
C PHE A 15 -7.26 -4.69 2.48
N HIS A 16 -7.61 -3.40 2.47
CA HIS A 16 -8.83 -2.89 3.09
C HIS A 16 -9.68 -2.25 2.00
N GLY A 17 -10.71 -2.95 1.53
CA GLY A 17 -11.51 -2.39 0.46
C GLY A 17 -12.66 -1.48 0.86
N LYS A 18 -12.96 -1.36 2.16
CA LYS A 18 -14.20 -0.70 2.59
C LYS A 18 -13.96 0.25 3.77
N ILE A 19 -12.84 0.94 3.80
CA ILE A 19 -12.57 1.92 4.85
C ILE A 19 -12.33 3.30 4.22
N SER A 20 -12.36 4.32 5.09
CA SER A 20 -12.04 5.67 4.69
C SER A 20 -10.55 5.95 4.94
N LYS A 21 -10.08 7.09 4.40
CA LYS A 21 -8.68 7.44 4.65
C LYS A 21 -8.45 7.77 6.11
N GLN A 22 -9.43 8.38 6.78
CA GLN A 22 -9.30 8.62 8.22
C GLN A 22 -9.26 7.32 9.00
N GLU A 23 -10.09 6.35 8.60
CA GLU A 23 -10.04 5.04 9.24
C GLU A 23 -8.70 4.37 9.04
N ALA A 24 -8.11 4.51 7.84
CA ALA A 24 -6.76 4.00 7.61
C ALA A 24 -5.76 4.63 8.59
N TYR A 25 -5.79 5.95 8.73
CA TYR A 25 -4.93 6.63 9.69
C TYR A 25 -5.11 6.05 11.09
N ASN A 26 -6.37 5.98 11.55
CA ASN A 26 -6.63 5.56 12.92
C ASN A 26 -6.24 4.11 13.14
N LEU A 27 -6.44 3.25 12.14
CA LEU A 27 -6.04 1.85 12.26
C LEU A 27 -4.52 1.73 12.39
N LEU A 28 -3.78 2.45 11.54
CA LEU A 28 -2.33 2.40 11.62
C LEU A 28 -1.81 2.89 12.96
N MET A 29 -2.53 3.81 13.60
CA MET A 29 -2.06 4.36 14.86
C MET A 29 -2.51 3.55 16.08
N THR A 30 -3.53 2.72 15.94
CA THR A 30 -4.02 1.90 17.06
C THR A 30 -3.62 0.44 16.89
N VAL A 31 -4.13 -0.22 15.85
CA VAL A 31 -3.78 -1.62 15.60
C VAL A 31 -2.35 -1.74 15.11
N GLY A 32 -1.95 -0.85 14.20
CA GLY A 32 -0.61 -0.86 13.66
C GLY A 32 0.45 -0.44 14.68
N GLN A 33 1.70 -0.66 14.27
CA GLN A 33 2.90 -0.20 14.95
C GLN A 33 3.73 0.56 13.94
N VAL A 34 4.85 1.15 14.39
CA VAL A 34 5.74 1.75 13.41
C VAL A 34 6.14 0.68 12.39
N SER A 35 6.26 1.10 11.13
CA SER A 35 6.56 0.28 9.94
C SER A 35 5.40 -0.59 9.50
N SER A 36 4.23 -0.47 10.11
CA SER A 36 3.05 -1.17 9.62
C SER A 36 2.51 -0.50 8.35
N PHE A 37 1.68 -1.24 7.62
CA PHE A 37 1.20 -0.75 6.34
C PHE A 37 -0.14 -1.39 5.99
N LEU A 38 -0.84 -0.73 5.06
CA LEU A 38 -2.04 -1.29 4.48
C LEU A 38 -2.27 -0.68 3.10
N VAL A 39 -3.11 -1.33 2.30
CA VAL A 39 -3.46 -0.88 0.95
C VAL A 39 -4.96 -0.69 0.85
N ARG A 40 -5.38 0.43 0.24
CA ARG A 40 -6.76 0.79 -0.10
C ARG A 40 -6.89 1.07 -1.59
N PRO A 41 -8.08 0.88 -2.19
CA PRO A 41 -8.34 1.48 -3.49
C PRO A 41 -8.22 2.99 -3.39
N SER A 42 -7.76 3.62 -4.48
CA SER A 42 -7.59 5.06 -4.56
C SER A 42 -8.94 5.77 -4.48
N ASP A 43 -9.01 6.81 -3.64
CA ASP A 43 -10.21 7.63 -3.54
C ASP A 43 -10.43 8.50 -4.76
N ASN A 44 -9.35 8.95 -5.42
CA ASN A 44 -9.45 9.98 -6.42
C ASN A 44 -9.12 9.53 -7.83
N THR A 45 -8.52 8.36 -8.00
CA THR A 45 -8.16 7.85 -9.33
C THR A 45 -8.66 6.43 -9.48
N PRO A 46 -9.82 6.22 -10.14
CA PRO A 46 -10.35 4.87 -10.29
C PRO A 46 -9.33 3.91 -10.89
N GLY A 47 -9.21 2.74 -10.29
CA GLY A 47 -8.28 1.73 -10.73
C GLY A 47 -6.92 1.77 -10.07
N ASP A 48 -6.57 2.87 -9.41
CA ASP A 48 -5.32 2.97 -8.66
C ASP A 48 -5.50 2.45 -7.24
N TYR A 49 -4.38 2.27 -6.56
CA TYR A 49 -4.35 1.85 -5.16
C TYR A 49 -3.40 2.76 -4.40
N SER A 50 -3.61 2.82 -3.09
CA SER A 50 -2.81 3.67 -2.20
C SER A 50 -2.22 2.81 -1.10
N LEU A 51 -0.91 2.87 -0.95
CA LEU A 51 -0.19 2.18 0.11
C LEU A 51 0.12 3.18 1.22
N TYR A 52 -0.33 2.87 2.44
CA TYR A 52 -0.14 3.71 3.62
C TYR A 52 0.93 3.08 4.49
N PHE A 53 1.88 3.88 4.96
CA PHE A 53 3.04 3.38 5.70
C PHE A 53 3.31 4.27 6.91
N ARG A 54 3.47 3.66 8.08
CA ARG A 54 3.67 4.42 9.31
C ARG A 54 5.16 4.53 9.64
N THR A 55 5.67 5.76 9.72
CA THR A 55 7.02 6.01 10.22
C THR A 55 6.94 6.37 11.71
N ASN A 56 8.06 6.78 12.30
CA ASN A 56 8.03 7.09 13.72
C ASN A 56 7.15 8.29 14.03
N GLU A 57 6.98 9.20 13.07
CA GLU A 57 6.29 10.46 13.34
C GLU A 57 5.10 10.73 12.44
N ASN A 58 4.86 9.93 11.41
CA ASN A 58 3.78 10.27 10.47
C ASN A 58 3.38 9.04 9.66
N ILE A 59 2.39 9.22 8.80
N ILE A 59 2.35 9.22 8.84
CA ILE A 59 1.96 8.19 7.88
CA ILE A 59 1.90 8.25 7.86
C ILE A 59 2.08 8.74 6.47
C ILE A 59 2.20 8.82 6.48
N GLN A 60 2.78 8.00 5.62
CA GLN A 60 3.05 8.37 4.23
C GLN A 60 2.10 7.59 3.32
N ARG A 61 1.67 8.23 2.22
CA ARG A 61 0.80 7.59 1.24
C ARG A 61 1.48 7.53 -0.11
N PHE A 62 1.52 6.33 -0.70
CA PHE A 62 2.18 6.09 -1.98
C PHE A 62 1.15 5.61 -3.00
N LYS A 63 1.32 6.04 -4.25
CA LYS A 63 0.42 5.63 -5.33
C LYS A 63 0.92 4.36 -6.02
N ILE A 64 0.02 3.43 -6.25
CA ILE A 64 0.26 2.25 -7.08
C ILE A 64 -0.73 2.31 -8.23
N SER A 65 -0.22 2.25 -9.46
N SER A 65 -0.23 2.25 -9.46
CA SER A 65 -1.08 2.41 -10.64
CA SER A 65 -1.08 2.42 -10.65
C SER A 65 -0.88 1.25 -11.60
C SER A 65 -0.87 1.26 -11.61
N PRO A 66 -1.95 0.65 -12.12
CA PRO A 66 -1.78 -0.47 -13.05
C PRO A 66 -1.33 0.01 -14.41
N THR A 67 -0.57 -0.83 -15.09
CA THR A 67 -0.25 -0.65 -16.51
C THR A 67 -1.31 -1.33 -17.35
N PRO A 68 -1.28 -1.12 -18.67
CA PRO A 68 -2.20 -1.87 -19.55
C PRO A 68 -1.89 -3.35 -19.68
N ASN A 69 -0.77 -3.83 -19.14
CA ASN A 69 -0.26 -5.18 -19.41
C ASN A 69 0.06 -5.94 -18.13
N ASN A 70 -0.87 -5.94 -17.18
CA ASN A 70 -0.84 -6.83 -16.00
C ASN A 70 0.31 -6.51 -15.04
N GLN A 71 0.75 -5.26 -14.97
CA GLN A 71 1.77 -4.86 -14.02
C GLN A 71 1.31 -3.63 -13.24
N PHE A 72 2.11 -3.25 -12.25
CA PHE A 72 1.78 -2.13 -11.36
C PHE A 72 3.01 -1.24 -11.21
N MET A 73 2.79 0.07 -11.28
N MET A 73 2.78 0.07 -11.20
CA MET A 73 3.88 1.02 -11.15
CA MET A 73 3.85 1.06 -11.12
C MET A 73 3.84 1.67 -9.77
C MET A 73 3.82 1.75 -9.77
N MET A 74 5.02 1.89 -9.21
N MET A 74 4.97 1.78 -9.10
CA MET A 74 5.15 2.59 -7.93
CA MET A 74 5.15 2.59 -7.90
C MET A 74 6.56 3.14 -7.88
C MET A 74 6.55 3.15 -7.92
N GLY A 75 6.68 4.44 -7.66
CA GLY A 75 7.99 5.07 -7.62
C GLY A 75 8.75 4.99 -8.92
N GLY A 76 8.05 4.94 -10.06
CA GLY A 76 8.72 4.83 -11.32
C GLY A 76 9.27 3.46 -11.65
N ARG A 77 8.97 2.46 -10.84
CA ARG A 77 9.35 1.07 -11.10
C ARG A 77 8.11 0.22 -11.26
N TYR A 78 8.27 -0.92 -11.94
CA TYR A 78 7.14 -1.75 -12.32
C TYR A 78 7.27 -3.13 -11.70
N TYR A 79 6.13 -3.67 -11.27
CA TYR A 79 6.05 -4.92 -10.54
C TYR A 79 4.90 -5.75 -11.09
N ASN A 80 5.01 -7.08 -10.96
CA ASN A 80 3.96 -7.93 -11.52
C ASN A 80 2.70 -7.98 -10.65
N SER A 81 2.78 -7.61 -9.38
CA SER A 81 1.65 -7.64 -8.47
C SER A 81 1.91 -6.66 -7.33
N ILE A 82 0.84 -6.32 -6.61
CA ILE A 82 1.02 -5.55 -5.39
C ILE A 82 1.78 -6.37 -4.35
N GLY A 83 1.57 -7.69 -4.32
CA GLY A 83 2.35 -8.53 -3.43
C GLY A 83 3.85 -8.41 -3.69
N ASP A 84 4.24 -8.29 -4.96
CA ASP A 84 5.65 -8.10 -5.29
C ASP A 84 6.17 -6.75 -4.83
N ILE A 85 5.33 -5.71 -4.81
CA ILE A 85 5.75 -4.44 -4.25
C ILE A 85 6.04 -4.60 -2.76
N ILE A 86 5.12 -5.24 -2.04
N ILE A 86 5.18 -5.33 -2.05
CA ILE A 86 5.29 -5.45 -0.60
CA ILE A 86 5.37 -5.53 -0.63
C ILE A 86 6.60 -6.18 -0.34
C ILE A 86 6.62 -6.36 -0.35
N ASP A 87 6.83 -7.27 -1.08
N ASP A 87 6.87 -7.38 -1.17
CA ASP A 87 8.06 -8.05 -0.93
CA ASP A 87 8.09 -8.15 -1.03
C ASP A 87 9.29 -7.19 -1.16
C ASP A 87 9.32 -7.27 -1.24
N HIS A 88 9.26 -6.38 -2.23
CA HIS A 88 10.38 -5.50 -2.53
C HIS A 88 10.72 -4.60 -1.34
N TYR A 89 9.72 -3.94 -0.77
CA TYR A 89 9.98 -2.98 0.29
C TYR A 89 10.06 -3.60 1.67
N ARG A 90 9.90 -4.92 1.81
CA ARG A 90 10.35 -5.61 3.01
C ARG A 90 11.85 -5.79 3.04
N LYS A 91 12.50 -5.71 1.88
CA LYS A 91 13.93 -5.95 1.76
C LYS A 91 14.72 -4.75 1.29
N GLU A 92 14.07 -3.73 0.73
CA GLU A 92 14.66 -2.46 0.33
C GLU A 92 13.92 -1.34 1.04
N GLN A 93 14.64 -0.29 1.44
CA GLN A 93 13.99 0.75 2.23
C GLN A 93 12.94 1.48 1.41
N ILE A 94 11.77 1.69 2.01
CA ILE A 94 10.70 2.44 1.35
C ILE A 94 10.82 3.93 1.63
N VAL A 95 11.23 4.27 2.85
CA VAL A 95 11.61 5.62 3.28
C VAL A 95 12.95 5.45 3.96
N GLU A 96 13.82 6.45 3.83
CA GLU A 96 15.15 6.33 4.42
C GLU A 96 15.07 5.92 5.88
N GLY A 97 15.66 4.77 6.21
CA GLY A 97 15.65 4.23 7.55
C GLY A 97 14.53 3.24 7.84
N TYR A 98 13.67 2.93 6.86
CA TYR A 98 12.47 2.15 7.12
C TYR A 98 12.25 1.08 6.07
N TYR A 99 11.79 -0.08 6.53
CA TYR A 99 11.26 -1.14 5.69
C TYR A 99 9.82 -1.43 6.08
N LEU A 100 9.08 -2.06 5.16
CA LEU A 100 7.76 -2.60 5.52
C LEU A 100 7.95 -3.72 6.52
N LYS A 101 7.18 -3.71 7.61
CA LYS A 101 7.20 -4.81 8.57
C LYS A 101 5.85 -5.49 8.55
N GLU A 102 4.94 -5.13 9.47
CA GLU A 102 3.70 -5.89 9.61
C GLU A 102 2.53 -5.25 8.87
N PRO A 103 1.68 -6.04 8.25
CA PRO A 103 0.43 -5.50 7.73
C PRO A 103 -0.49 -5.12 8.88
N VAL A 104 -1.39 -4.19 8.62
CA VAL A 104 -2.59 -4.01 9.43
C VAL A 104 -3.66 -4.94 8.84
N PRO A 105 -4.06 -6.00 9.54
CA PRO A 105 -5.03 -6.93 8.93
C PRO A 105 -6.38 -6.27 8.73
N MET A 106 -7.04 -6.65 7.64
CA MET A 106 -8.41 -6.22 7.41
C MET A 106 -9.25 -6.58 8.64
N GLN A 107 -9.96 -5.60 9.16
CA GLN A 107 -10.68 -5.76 10.42
C GLN A 107 -12.08 -6.33 10.20
C ACE B 1 -1.73 16.33 -1.76
O ACE B 1 -1.87 17.11 -0.82
CH3 ACE B 1 -2.69 16.33 -2.92
N ASP B 2 -0.75 15.43 -1.79
CA ASP B 2 -0.56 14.49 -2.88
C ASP B 2 -0.01 13.15 -2.37
N PTR B 3 1.00 12.62 -3.07
CA PTR B 3 1.58 11.32 -2.72
C PTR B 3 3.07 11.43 -2.45
O PTR B 3 3.76 12.27 -3.03
CB PTR B 3 1.34 10.30 -3.84
CG PTR B 3 -0.11 9.89 -4.00
CD1 PTR B 3 -0.96 10.59 -4.84
CD2 PTR B 3 -0.62 8.81 -3.29
CE1 PTR B 3 -2.29 10.21 -4.98
CE2 PTR B 3 -1.95 8.44 -3.42
CZ PTR B 3 -2.78 9.14 -4.27
OH PTR B 3 -4.02 8.74 -4.38
P PTR B 3 -5.23 9.58 -5.04
O1P PTR B 3 -5.29 10.98 -4.41
O2P PTR B 3 -6.52 8.79 -4.73
O3P PTR B 3 -5.09 9.64 -6.53
N ALA B 4 3.57 10.58 -1.56
CA ALA B 4 5.00 10.53 -1.29
C ALA B 4 5.70 9.73 -2.37
N GLU B 5 7.01 9.95 -2.51
CA GLU B 5 7.78 9.08 -3.39
C GLU B 5 8.72 8.22 -2.56
N PRO B 6 8.85 6.94 -2.90
CA PRO B 6 9.73 6.07 -2.12
C PRO B 6 11.19 6.44 -2.32
N MET B 7 12.02 5.92 -1.41
CA MET B 7 13.43 6.30 -1.39
C MET B 7 14.13 5.94 -2.70
N ASP B 8 13.75 4.82 -3.32
CA ASP B 8 14.40 4.37 -4.54
C ASP B 8 13.64 4.80 -5.81
N ALA B 9 12.86 5.87 -5.74
CA ALA B 9 12.07 6.35 -6.87
C ALA B 9 12.93 6.70 -8.08
N NH2 B 10 14.17 7.11 -7.82
#